data_1P2F
#
_entry.id   1P2F
#
_cell.length_a   57.890
_cell.length_b   59.390
_cell.length_c   77.640
_cell.angle_alpha   90.00
_cell.angle_beta   90.00
_cell.angle_gamma   90.00
#
_symmetry.space_group_name_H-M   'P 21 21 21'
#
loop_
_entity.id
_entity.type
_entity.pdbx_description
1 polymer 'Response Regulator'
2 water water
#
_entity_poly.entity_id   1
_entity_poly.type   'polypeptide(L)'
_entity_poly.pdbx_seq_one_letter_code
;(MSE)(MSE)WKIAVVDDDKNILKKVSEKLQQLGRVKTFLTGEDFLNDEEAFHVVVLDV(MSE)LPDYSGYEICR(MSE)
IKETRPETWVILLTLLSDDESVLKGFEAGADDYVTKPFNPEILLARVKRFLEREKKGLYDFGDLKIDATGFTVFLKGKRI
HLPKKEFEILLFLAENAGKVVTREKLLETFWEDPVSPRVVDTVIKRIRKAIEDDPNRPRYIKTIWGVGY(MSE)FTGGER
;
_entity_poly.pdbx_strand_id   A
#
# COMPACT_ATOMS: atom_id res chain seq x y z
N MSE A 1 17.86 -16.80 6.80
CA MSE A 1 16.81 -17.74 6.32
C MSE A 1 16.18 -17.18 5.04
O MSE A 1 16.48 -16.06 4.63
CB MSE A 1 15.73 -17.94 7.40
CG MSE A 1 14.48 -17.09 7.25
CG MSE A 1 16.31 -18.34 8.76
SE MSE A 1 13.14 -17.41 8.62
SE MSE A 1 17.55 -19.84 8.65
CE MSE A 1 12.07 -18.74 7.71
CE MSE A 1 16.26 -21.25 8.33
N MSE A 2 15.31 -17.96 4.39
CA MSE A 2 14.68 -17.48 3.17
C MSE A 2 13.27 -16.97 3.42
O MSE A 2 12.61 -17.35 4.37
CB MSE A 2 14.63 -18.60 2.13
CG MSE A 2 16.00 -19.03 1.62
SE MSE A 2 15.84 -20.20 0.09
CE MSE A 2 15.49 -18.86 -1.25
N TRP A 3 12.82 -16.09 2.54
CA TRP A 3 11.46 -15.54 2.61
C TRP A 3 10.52 -16.67 2.23
N LYS A 4 9.36 -16.72 2.88
CA LYS A 4 8.35 -17.74 2.58
C LYS A 4 7.18 -17.04 1.93
N ILE A 5 6.83 -17.46 0.72
CA ILE A 5 5.74 -16.83 -0.02
C ILE A 5 4.66 -17.83 -0.42
N ALA A 6 3.40 -17.48 -0.17
CA ALA A 6 2.27 -18.33 -0.51
C ALA A 6 1.52 -17.66 -1.65
N VAL A 7 1.00 -18.46 -2.59
CA VAL A 7 0.24 -17.93 -3.72
C VAL A 7 -1.05 -18.74 -3.71
N VAL A 8 -2.18 -18.06 -3.53
CA VAL A 8 -3.48 -18.75 -3.48
C VAL A 8 -4.32 -18.27 -4.66
N ASP A 9 -4.52 -19.16 -5.63
CA ASP A 9 -5.29 -18.81 -6.82
C ASP A 9 -5.78 -20.09 -7.50
N ASP A 10 -7.04 -20.08 -7.97
CA ASP A 10 -7.63 -21.25 -8.61
C ASP A 10 -7.12 -21.46 -10.03
N ASP A 11 -6.47 -20.44 -10.58
CA ASP A 11 -5.93 -20.50 -11.95
C ASP A 11 -4.53 -21.08 -11.92
N LYS A 12 -4.39 -22.36 -12.22
CA LYS A 12 -3.09 -23.00 -12.21
C LYS A 12 -2.05 -22.36 -13.14
N ASN A 13 -2.50 -21.58 -14.12
CA ASN A 13 -1.56 -20.92 -15.02
C ASN A 13 -0.95 -19.74 -14.26
N ILE A 14 -1.76 -19.10 -13.43
CA ILE A 14 -1.27 -17.99 -12.64
C ILE A 14 -0.32 -18.53 -11.59
N LEU A 15 -0.67 -19.69 -11.00
CA LEU A 15 0.19 -20.28 -9.99
C LEU A 15 1.58 -20.57 -10.54
N LYS A 16 1.63 -21.15 -11.75
CA LYS A 16 2.90 -21.48 -12.37
C LYS A 16 3.72 -20.23 -12.72
N LYS A 17 3.11 -19.29 -13.43
CA LYS A 17 3.80 -18.07 -13.83
C LYS A 17 4.29 -17.26 -12.64
N VAL A 18 3.41 -17.10 -11.64
CA VAL A 18 3.76 -16.35 -10.45
C VAL A 18 4.83 -17.05 -9.63
N SER A 19 4.73 -18.36 -9.48
CA SER A 19 5.72 -19.12 -8.71
C SER A 19 7.09 -19.05 -9.36
N GLU A 20 7.14 -19.21 -10.67
CA GLU A 20 8.41 -19.16 -11.38
C GLU A 20 9.10 -17.81 -11.23
N LYS A 21 8.31 -16.75 -11.21
CA LYS A 21 8.87 -15.40 -11.08
C LYS A 21 9.30 -15.09 -9.64
N LEU A 22 8.50 -15.51 -8.66
CA LEU A 22 8.81 -15.22 -7.26
C LEU A 22 9.84 -16.12 -6.60
N GLN A 23 10.18 -17.24 -7.22
CA GLN A 23 11.16 -18.14 -6.63
C GLN A 23 12.53 -17.49 -6.50
N GLN A 24 12.74 -16.37 -7.19
CA GLN A 24 14.03 -15.70 -7.11
C GLN A 24 14.15 -14.92 -5.81
N LEU A 25 13.04 -14.77 -5.10
CA LEU A 25 13.01 -14.04 -3.82
C LEU A 25 13.01 -14.97 -2.62
N GLY A 26 12.50 -16.19 -2.81
CA GLY A 26 12.46 -17.13 -1.71
C GLY A 26 11.69 -18.39 -2.05
N ARG A 27 11.26 -19.09 -1.01
CA ARG A 27 10.51 -20.33 -1.21
C ARG A 27 9.04 -20.02 -1.42
N VAL A 28 8.49 -20.60 -2.49
CA VAL A 28 7.09 -20.39 -2.84
C VAL A 28 6.23 -21.65 -2.73
N LYS A 29 5.07 -21.52 -2.12
CA LYS A 29 4.13 -22.63 -1.99
C LYS A 29 2.86 -22.16 -2.69
N THR A 30 2.24 -23.02 -3.48
CA THR A 30 1.01 -22.63 -4.18
C THR A 30 -0.20 -23.41 -3.67
N PHE A 31 -1.36 -22.77 -3.78
CA PHE A 31 -2.63 -23.34 -3.32
C PHE A 31 -3.73 -23.01 -4.31
N LEU A 32 -4.58 -23.99 -4.62
CA LEU A 32 -5.68 -23.77 -5.55
C LEU A 32 -6.95 -23.33 -4.84
N THR A 33 -7.01 -23.56 -3.52
CA THR A 33 -8.20 -23.20 -2.77
C THR A 33 -7.84 -22.53 -1.44
N GLY A 34 -8.78 -21.74 -0.93
CA GLY A 34 -8.55 -21.08 0.34
C GLY A 34 -8.47 -22.11 1.45
N GLU A 35 -9.24 -23.18 1.33
CA GLU A 35 -9.23 -24.23 2.35
C GLU A 35 -7.84 -24.84 2.50
N ASP A 36 -7.17 -25.09 1.39
CA ASP A 36 -5.83 -25.68 1.41
C ASP A 36 -4.87 -24.75 2.17
N PHE A 37 -4.96 -23.46 1.87
CA PHE A 37 -4.12 -22.44 2.50
C PHE A 37 -4.42 -22.33 4.01
N LEU A 38 -5.71 -22.37 4.35
CA LEU A 38 -6.12 -22.27 5.75
C LEU A 38 -5.73 -23.52 6.55
N ASN A 39 -5.42 -24.61 5.85
CA ASN A 39 -5.01 -25.85 6.50
C ASN A 39 -3.53 -25.89 6.84
N ASP A 40 -2.72 -25.24 6.01
CA ASP A 40 -1.27 -25.20 6.19
C ASP A 40 -0.86 -24.54 7.50
N GLU A 41 0.03 -25.18 8.25
CA GLU A 41 0.47 -24.62 9.53
C GLU A 41 1.72 -23.76 9.45
N GLU A 42 2.38 -23.74 8.30
CA GLU A 42 3.57 -22.91 8.15
C GLU A 42 3.18 -21.45 7.95
N ALA A 43 3.86 -20.56 8.64
CA ALA A 43 3.58 -19.13 8.51
C ALA A 43 4.36 -18.61 7.29
N PHE A 44 3.77 -17.66 6.58
CA PHE A 44 4.41 -17.08 5.41
C PHE A 44 4.69 -15.60 5.67
N HIS A 45 5.70 -15.05 5.00
CA HIS A 45 6.00 -13.63 5.18
C HIS A 45 5.16 -12.82 4.20
N VAL A 46 4.79 -13.45 3.08
CA VAL A 46 3.99 -12.78 2.06
C VAL A 46 2.95 -13.75 1.51
N VAL A 47 1.73 -13.25 1.32
CA VAL A 47 0.68 -14.08 0.75
C VAL A 47 0.07 -13.34 -0.43
N VAL A 48 0.21 -13.97 -1.59
CA VAL A 48 -0.39 -13.48 -2.83
C VAL A 48 -1.76 -14.14 -2.92
N LEU A 49 -2.82 -13.36 -2.97
CA LEU A 49 -4.16 -13.91 -2.85
C LEU A 49 -5.15 -13.39 -3.89
N ASP A 50 -5.77 -14.27 -4.64
CA ASP A 50 -6.79 -13.83 -5.61
C ASP A 50 -8.05 -13.42 -4.87
N VAL A 51 -8.69 -12.35 -5.32
CA VAL A 51 -9.91 -11.88 -4.68
C VAL A 51 -11.01 -12.93 -4.84
N MSE A 52 -11.00 -13.64 -5.96
CA MSE A 52 -12.01 -14.67 -6.23
C MSE A 52 -11.45 -16.07 -6.03
O MSE A 52 -10.56 -16.49 -6.76
CB MSE A 52 -12.50 -14.55 -7.69
CG MSE A 52 -13.20 -13.26 -8.05
SE MSE A 52 -14.90 -13.03 -7.15
CE MSE A 52 -14.71 -11.18 -6.60
N LEU A 53 -11.96 -16.79 -5.03
CA LEU A 53 -11.53 -18.16 -4.79
C LEU A 53 -12.80 -19.01 -4.82
N PRO A 54 -12.67 -20.32 -5.08
CA PRO A 54 -13.83 -21.22 -5.14
C PRO A 54 -14.60 -21.39 -3.84
N ASP A 55 -13.90 -21.37 -2.71
CA ASP A 55 -14.50 -21.59 -1.40
C ASP A 55 -14.59 -20.40 -0.46
N TYR A 56 -13.76 -19.40 -0.69
CA TYR A 56 -13.75 -18.21 0.17
C TYR A 56 -13.53 -16.98 -0.69
N SER A 57 -13.75 -15.83 -0.09
CA SER A 57 -13.53 -14.57 -0.72
C SER A 57 -12.07 -14.23 -0.39
N GLY A 58 -11.31 -13.72 -1.34
CA GLY A 58 -9.94 -13.35 -1.04
C GLY A 58 -9.91 -12.25 0.00
N TYR A 59 -10.96 -11.45 0.04
CA TYR A 59 -11.06 -10.35 1.01
C TYR A 59 -11.19 -10.91 2.42
N GLU A 60 -11.96 -11.99 2.57
CA GLU A 60 -12.14 -12.58 3.88
C GLU A 60 -10.87 -13.26 4.37
N ILE A 61 -10.17 -13.95 3.49
CA ILE A 61 -8.93 -14.60 3.90
C ILE A 61 -7.92 -13.51 4.28
N CYS A 62 -7.90 -12.42 3.52
CA CYS A 62 -6.99 -11.33 3.83
C CYS A 62 -7.28 -10.84 5.25
N ARG A 63 -8.55 -10.61 5.55
CA ARG A 63 -8.94 -10.15 6.87
C ARG A 63 -8.48 -11.13 7.95
N MSE A 64 -8.63 -12.42 7.68
CA MSE A 64 -8.22 -13.44 8.63
C MSE A 64 -6.72 -13.38 8.90
O MSE A 64 -6.27 -13.50 10.03
CB MSE A 64 -8.58 -14.83 8.09
CG MSE A 64 -10.06 -15.05 7.93
SE MSE A 64 -10.38 -16.75 7.09
CE MSE A 64 -12.05 -16.35 6.21
N ILE A 65 -5.94 -13.19 7.84
CA ILE A 65 -4.50 -13.10 7.99
C ILE A 65 -4.12 -11.89 8.83
N LYS A 66 -4.69 -10.74 8.48
CA LYS A 66 -4.38 -9.50 9.19
C LYS A 66 -4.82 -9.48 10.65
N GLU A 67 -5.89 -10.18 10.98
CA GLU A 67 -6.36 -10.21 12.36
C GLU A 67 -5.51 -11.17 13.20
N THR A 68 -5.01 -12.22 12.58
CA THR A 68 -4.22 -13.25 13.27
C THR A 68 -2.71 -13.05 13.23
N ARG A 69 -2.19 -12.72 12.06
CA ARG A 69 -0.75 -12.51 11.87
C ARG A 69 -0.56 -11.25 11.02
N PRO A 70 -0.82 -10.08 11.63
CA PRO A 70 -0.69 -8.79 10.95
C PRO A 70 0.67 -8.48 10.32
N GLU A 71 1.72 -9.13 10.81
CA GLU A 71 3.06 -8.91 10.27
C GLU A 71 3.19 -9.44 8.84
N THR A 72 2.24 -10.28 8.44
CA THR A 72 2.23 -10.89 7.10
C THR A 72 1.85 -9.88 6.00
N TRP A 73 2.64 -9.81 4.95
CA TRP A 73 2.32 -8.92 3.83
C TRP A 73 1.29 -9.62 2.98
N VAL A 74 0.26 -8.90 2.54
CA VAL A 74 -0.77 -9.50 1.71
C VAL A 74 -1.01 -8.65 0.47
N ILE A 75 -0.89 -9.27 -0.69
CA ILE A 75 -1.13 -8.56 -1.93
C ILE A 75 -2.23 -9.29 -2.68
N LEU A 76 -3.25 -8.54 -3.09
CA LEU A 76 -4.40 -9.13 -3.78
C LEU A 76 -4.30 -9.10 -5.30
N LEU A 77 -4.75 -10.14 -5.92
CA LEU A 77 -4.83 -10.23 -7.36
C LEU A 77 -6.30 -10.03 -7.70
N THR A 78 -6.60 -8.96 -8.42
CA THR A 78 -7.98 -8.62 -8.72
C THR A 78 -8.24 -8.41 -10.21
N LEU A 79 -9.52 -8.36 -10.58
CA LEU A 79 -9.91 -8.16 -11.97
C LEU A 79 -10.21 -6.69 -12.25
N LEU A 80 -10.60 -5.95 -11.20
CA LEU A 80 -10.91 -4.53 -11.36
C LEU A 80 -10.11 -3.64 -10.43
N SER A 81 -9.77 -2.46 -10.91
CA SER A 81 -9.01 -1.49 -10.10
C SER A 81 -9.79 -0.20 -9.93
N ASP A 82 -11.11 -0.28 -10.06
CA ASP A 82 -11.95 0.91 -9.88
C ASP A 82 -11.98 1.25 -8.40
N ASP A 83 -12.46 2.44 -8.07
CA ASP A 83 -12.50 2.88 -6.69
C ASP A 83 -13.24 1.94 -5.75
N GLU A 84 -14.38 1.41 -6.19
CA GLU A 84 -15.14 0.48 -5.36
C GLU A 84 -14.28 -0.73 -4.97
N SER A 85 -13.58 -1.27 -5.95
CA SER A 85 -12.72 -2.44 -5.71
C SER A 85 -11.53 -2.12 -4.83
N VAL A 86 -10.90 -0.98 -5.05
CA VAL A 86 -9.74 -0.61 -4.25
C VAL A 86 -10.18 -0.42 -2.79
N LEU A 87 -11.33 0.20 -2.59
CA LEU A 87 -11.82 0.42 -1.22
C LEU A 87 -12.10 -0.91 -0.53
N LYS A 88 -12.50 -1.93 -1.28
CA LYS A 88 -12.74 -3.23 -0.67
C LYS A 88 -11.40 -3.79 -0.19
N GLY A 89 -10.35 -3.52 -0.96
CA GLY A 89 -9.01 -3.97 -0.61
C GLY A 89 -8.56 -3.30 0.68
N PHE A 90 -8.82 -2.00 0.81
CA PHE A 90 -8.48 -1.26 2.02
C PHE A 90 -9.23 -1.88 3.20
N GLU A 91 -10.53 -2.06 3.03
CA GLU A 91 -11.40 -2.63 4.06
C GLU A 91 -10.89 -3.98 4.58
N ALA A 92 -10.42 -4.81 3.65
CA ALA A 92 -9.91 -6.14 3.99
C ALA A 92 -8.55 -6.12 4.66
N GLY A 93 -7.87 -4.97 4.61
CA GLY A 93 -6.56 -4.87 5.23
C GLY A 93 -5.38 -5.21 4.34
N ALA A 94 -5.61 -5.37 3.05
CA ALA A 94 -4.53 -5.69 2.11
C ALA A 94 -3.46 -4.60 2.08
N ASP A 95 -2.24 -5.00 1.73
CA ASP A 95 -1.11 -4.08 1.66
C ASP A 95 -0.87 -3.56 0.24
N ASP A 96 -1.36 -4.30 -0.74
CA ASP A 96 -1.21 -3.89 -2.13
C ASP A 96 -2.11 -4.76 -3.00
N TYR A 97 -2.12 -4.47 -4.29
CA TYR A 97 -2.93 -5.24 -5.24
C TYR A 97 -2.28 -5.20 -6.61
N VAL A 98 -2.71 -6.13 -7.46
CA VAL A 98 -2.24 -6.21 -8.84
C VAL A 98 -3.46 -6.60 -9.66
N THR A 99 -3.78 -5.82 -10.68
CA THR A 99 -4.94 -6.10 -11.53
C THR A 99 -4.58 -7.12 -12.60
N LYS A 100 -5.48 -8.08 -12.81
CA LYS A 100 -5.28 -9.11 -13.84
C LYS A 100 -5.94 -8.67 -15.13
N PRO A 101 -5.34 -9.01 -16.28
CA PRO A 101 -4.10 -9.77 -16.44
C PRO A 101 -2.89 -8.89 -16.17
N PHE A 102 -1.79 -9.50 -15.76
CA PHE A 102 -0.58 -8.75 -15.45
C PHE A 102 0.67 -9.52 -15.80
N ASN A 103 1.76 -8.77 -16.00
CA ASN A 103 3.05 -9.35 -16.26
C ASN A 103 3.62 -9.67 -14.91
N PRO A 104 4.06 -10.92 -14.68
CA PRO A 104 4.62 -11.28 -13.37
C PRO A 104 5.64 -10.28 -12.84
N GLU A 105 6.30 -9.56 -13.73
CA GLU A 105 7.30 -8.58 -13.34
C GLU A 105 6.72 -7.52 -12.40
N ILE A 106 5.49 -7.12 -12.66
CA ILE A 106 4.82 -6.11 -11.83
C ILE A 106 4.66 -6.67 -10.41
N LEU A 107 4.18 -7.90 -10.31
CA LEU A 107 4.00 -8.53 -9.01
C LEU A 107 5.33 -8.64 -8.28
N LEU A 108 6.37 -9.07 -8.98
CA LEU A 108 7.69 -9.21 -8.37
C LEU A 108 8.16 -7.87 -7.80
N ALA A 109 7.92 -6.79 -8.54
CA ALA A 109 8.33 -5.47 -8.10
C ALA A 109 7.60 -5.04 -6.83
N ARG A 110 6.31 -5.31 -6.76
CA ARG A 110 5.54 -4.91 -5.59
C ARG A 110 5.87 -5.76 -4.36
N VAL A 111 6.24 -7.01 -4.58
CA VAL A 111 6.62 -7.88 -3.46
C VAL A 111 8.00 -7.44 -2.97
N LYS A 112 8.87 -7.04 -3.89
CA LYS A 112 10.20 -6.56 -3.50
C LYS A 112 10.03 -5.28 -2.68
N ARG A 113 9.04 -4.48 -3.04
CA ARG A 113 8.78 -3.24 -2.33
C ARG A 113 8.47 -3.56 -0.85
N PHE A 114 7.74 -4.65 -0.62
CA PHE A 114 7.41 -5.09 0.71
C PHE A 114 8.65 -5.48 1.53
N LEU A 115 9.34 -6.47 1.06
CA LEU A 115 10.49 -7.13 1.66
C LEU A 115 11.79 -6.29 1.64
N GLU A 116 12.12 -5.57 0.57
CA GLU A 116 13.37 -4.83 0.54
C GLU A 116 13.29 -3.37 0.98
N ARG A 117 12.10 -2.77 0.96
CA ARG A 117 11.97 -1.38 1.36
C ARG A 117 10.92 -1.21 2.44
N GLU A 118 10.20 -2.29 2.73
CA GLU A 118 9.13 -2.28 3.71
C GLU A 118 8.11 -1.17 3.43
N LYS A 119 7.83 -0.97 2.14
CA LYS A 119 6.84 0.01 1.72
C LYS A 119 5.73 -0.79 1.07
N LYS A 120 4.60 -0.15 0.78
CA LYS A 120 3.48 -0.88 0.20
C LYS A 120 2.63 -0.02 -0.72
N GLY A 121 1.47 -0.53 -1.09
CA GLY A 121 0.60 0.22 -1.97
C GLY A 121 -0.61 0.84 -1.29
N LEU A 122 -1.12 0.19 -0.25
CA LEU A 122 -2.31 0.69 0.43
C LEU A 122 -2.05 1.18 1.85
N TYR A 123 -2.24 2.49 2.06
CA TYR A 123 -2.04 3.10 3.38
C TYR A 123 -3.39 3.54 3.93
N ASP A 124 -3.87 2.82 4.94
CA ASP A 124 -5.17 3.10 5.56
C ASP A 124 -5.05 3.88 6.87
N PHE A 125 -5.52 5.12 6.86
CA PHE A 125 -5.49 5.94 8.06
C PHE A 125 -6.90 6.35 8.46
N GLY A 126 -7.85 5.45 8.27
CA GLY A 126 -9.24 5.72 8.62
C GLY A 126 -9.94 6.54 7.56
N ASP A 127 -10.35 7.75 7.91
CA ASP A 127 -11.02 8.63 6.96
C ASP A 127 -10.13 8.92 5.76
N LEU A 128 -8.82 8.92 5.97
CA LEU A 128 -7.88 9.17 4.89
C LEU A 128 -7.22 7.87 4.45
N LYS A 129 -7.31 7.56 3.15
CA LYS A 129 -6.71 6.36 2.59
C LYS A 129 -5.89 6.76 1.38
N ILE A 130 -4.66 6.27 1.31
CA ILE A 130 -3.77 6.59 0.20
C ILE A 130 -3.40 5.33 -0.57
N ASP A 131 -3.71 5.33 -1.86
CA ASP A 131 -3.38 4.21 -2.75
C ASP A 131 -2.14 4.65 -3.51
N ALA A 132 -0.97 4.13 -3.11
CA ALA A 132 0.30 4.49 -3.75
C ALA A 132 0.55 3.71 -5.03
N THR A 133 -0.27 2.71 -5.29
CA THR A 133 -0.13 1.90 -6.49
C THR A 133 -0.97 2.52 -7.60
N GLY A 134 -2.16 2.99 -7.25
CA GLY A 134 -3.04 3.61 -8.22
C GLY A 134 -2.94 5.13 -8.18
N PHE A 135 -2.12 5.65 -7.26
CA PHE A 135 -1.91 7.08 -7.08
C PHE A 135 -3.22 7.83 -6.86
N THR A 136 -3.92 7.46 -5.80
CA THR A 136 -5.20 8.06 -5.48
C THR A 136 -5.32 8.28 -4.00
N VAL A 137 -6.01 9.35 -3.61
CA VAL A 137 -6.24 9.63 -2.19
C VAL A 137 -7.76 9.65 -2.00
N PHE A 138 -8.22 8.97 -0.96
CA PHE A 138 -9.66 8.93 -0.66
C PHE A 138 -9.91 9.59 0.68
N LEU A 139 -10.98 10.37 0.77
CA LEU A 139 -11.34 11.02 2.01
C LEU A 139 -12.78 10.57 2.27
N LYS A 140 -12.96 9.78 3.32
CA LYS A 140 -14.26 9.23 3.68
C LYS A 140 -14.88 8.45 2.52
N GLY A 141 -14.05 7.62 1.87
CA GLY A 141 -14.52 6.80 0.78
C GLY A 141 -14.73 7.44 -0.58
N LYS A 142 -14.32 8.70 -0.73
CA LYS A 142 -14.46 9.41 -2.00
C LYS A 142 -13.11 9.95 -2.45
N ARG A 143 -12.79 9.75 -3.71
CA ARG A 143 -11.53 10.21 -4.27
C ARG A 143 -11.45 11.76 -4.24
N ILE A 144 -10.28 12.31 -3.91
CA ILE A 144 -10.11 13.76 -3.90
C ILE A 144 -9.04 14.16 -4.90
N HIS A 145 -8.83 15.46 -5.05
CA HIS A 145 -7.85 15.96 -6.01
C HIS A 145 -6.57 16.47 -5.34
N LEU A 146 -5.45 15.98 -5.85
CA LEU A 146 -4.14 16.38 -5.38
C LEU A 146 -3.17 16.35 -6.54
N PRO A 147 -2.54 17.49 -6.85
CA PRO A 147 -1.57 17.52 -7.95
C PRO A 147 -0.41 16.58 -7.60
N LYS A 148 0.35 16.19 -8.61
CA LYS A 148 1.47 15.28 -8.42
C LYS A 148 2.42 15.61 -7.28
N LYS A 149 2.90 16.86 -7.22
CA LYS A 149 3.83 17.26 -6.17
C LYS A 149 3.23 17.07 -4.78
N GLU A 150 2.01 17.55 -4.61
CA GLU A 150 1.30 17.43 -3.33
C GLU A 150 1.14 15.95 -2.95
N PHE A 151 0.79 15.12 -3.93
CA PHE A 151 0.60 13.70 -3.66
C PHE A 151 1.91 13.04 -3.22
N GLU A 152 3.00 13.33 -3.94
CA GLU A 152 4.29 12.73 -3.60
C GLU A 152 4.75 13.12 -2.20
N ILE A 153 4.55 14.37 -1.82
CA ILE A 153 4.96 14.82 -0.50
C ILE A 153 4.05 14.22 0.57
N LEU A 154 2.75 14.17 0.32
CA LEU A 154 1.84 13.57 1.30
C LEU A 154 2.22 12.10 1.52
N LEU A 155 2.49 11.40 0.43
CA LEU A 155 2.86 9.98 0.52
C LEU A 155 4.16 9.81 1.31
N PHE A 156 5.14 10.65 1.02
CA PHE A 156 6.42 10.58 1.71
C PHE A 156 6.24 10.78 3.22
N LEU A 157 5.40 11.74 3.60
CA LEU A 157 5.15 12.00 5.01
C LEU A 157 4.44 10.81 5.65
N ALA A 158 3.47 10.23 4.93
CA ALA A 158 2.71 9.09 5.43
C ALA A 158 3.56 7.83 5.54
N GLU A 159 4.50 7.64 4.62
CA GLU A 159 5.37 6.47 4.66
C GLU A 159 6.30 6.60 5.86
N ASN A 160 6.46 7.84 6.33
CA ASN A 160 7.31 8.15 7.47
C ASN A 160 6.45 8.71 8.60
N ALA A 161 5.27 8.13 8.76
CA ALA A 161 4.34 8.55 9.80
C ALA A 161 5.02 8.50 11.16
N GLY A 162 4.72 9.51 11.98
CA GLY A 162 5.29 9.57 13.32
C GLY A 162 6.73 10.07 13.34
N LYS A 163 7.25 10.45 12.18
CA LYS A 163 8.62 10.95 12.09
C LYS A 163 8.63 12.37 11.55
N VAL A 164 9.56 13.17 12.04
CA VAL A 164 9.67 14.56 11.60
C VAL A 164 10.48 14.65 10.32
N VAL A 165 9.89 15.24 9.28
CA VAL A 165 10.58 15.42 8.01
C VAL A 165 10.84 16.92 7.90
N THR A 166 12.10 17.29 7.83
CA THR A 166 12.45 18.70 7.77
C THR A 166 12.11 19.38 6.45
N ARG A 167 11.90 20.68 6.51
CA ARG A 167 11.60 21.46 5.33
C ARG A 167 12.80 21.26 4.37
N GLU A 168 14.00 21.19 4.95
CA GLU A 168 15.22 21.00 4.15
C GLU A 168 15.16 19.69 3.37
N LYS A 169 14.79 18.61 4.06
CA LYS A 169 14.69 17.30 3.44
C LYS A 169 13.73 17.35 2.25
N LEU A 170 12.57 17.97 2.45
CA LEU A 170 11.59 18.08 1.39
C LEU A 170 12.13 18.88 0.20
N LEU A 171 12.78 20.00 0.48
CA LEU A 171 13.33 20.85 -0.59
C LEU A 171 14.33 20.13 -1.47
N GLU A 172 15.18 19.33 -0.84
CA GLU A 172 16.21 18.60 -1.58
C GLU A 172 15.69 17.32 -2.23
N THR A 173 14.55 16.82 -1.78
CA THR A 173 14.03 15.54 -2.31
C THR A 173 13.02 15.71 -3.45
N PHE A 174 12.11 16.68 -3.34
CA PHE A 174 11.03 16.82 -4.35
C PHE A 174 11.16 17.96 -5.36
N TRP A 175 12.32 18.60 -5.45
CA TRP A 175 12.54 19.67 -6.42
C TRP A 175 13.91 19.51 -7.05
N GLU A 176 13.95 19.40 -8.38
CA GLU A 176 15.21 19.25 -9.10
C GLU A 176 15.97 20.58 -9.16
N ASP A 177 15.23 21.67 -9.25
CA ASP A 177 15.83 22.99 -9.32
C ASP A 177 15.87 23.67 -7.95
N PRO A 178 16.70 24.72 -7.81
CA PRO A 178 16.79 25.43 -6.53
C PRO A 178 15.47 26.17 -6.35
N VAL A 179 14.95 26.16 -5.13
CA VAL A 179 13.69 26.84 -4.86
C VAL A 179 13.68 27.45 -3.48
N SER A 180 12.86 28.47 -3.31
CA SER A 180 12.72 29.14 -2.03
C SER A 180 12.04 28.18 -1.04
N PRO A 181 12.46 28.20 0.23
CA PRO A 181 11.86 27.33 1.24
C PRO A 181 10.34 27.48 1.35
N ARG A 182 9.84 28.69 1.05
CA ARG A 182 8.41 28.95 1.14
C ARG A 182 7.60 28.04 0.22
N VAL A 183 8.25 27.50 -0.81
CA VAL A 183 7.56 26.62 -1.74
C VAL A 183 7.05 25.37 -1.02
N VAL A 184 7.80 24.92 -0.02
CA VAL A 184 7.41 23.75 0.74
C VAL A 184 6.18 24.09 1.58
N ASP A 185 6.21 25.27 2.21
CA ASP A 185 5.09 25.73 3.02
C ASP A 185 3.81 25.80 2.19
N THR A 186 3.94 26.22 0.94
CA THR A 186 2.79 26.34 0.05
C THR A 186 2.23 24.96 -0.29
N VAL A 187 3.11 24.00 -0.56
CA VAL A 187 2.66 22.65 -0.88
C VAL A 187 1.92 22.07 0.32
N ILE A 188 2.47 22.28 1.53
CA ILE A 188 1.84 21.76 2.74
C ILE A 188 0.46 22.38 2.96
N LYS A 189 0.36 23.67 2.68
CA LYS A 189 -0.92 24.37 2.85
C LYS A 189 -1.95 23.78 1.88
N ARG A 190 -1.52 23.50 0.66
CA ARG A 190 -2.42 22.94 -0.33
C ARG A 190 -2.85 21.52 0.05
N ILE A 191 -1.93 20.74 0.60
CA ILE A 191 -2.26 19.38 1.02
C ILE A 191 -3.29 19.45 2.14
N ARG A 192 -3.02 20.31 3.11
CA ARG A 192 -3.92 20.47 4.26
C ARG A 192 -5.31 20.88 3.81
N LYS A 193 -5.39 21.79 2.84
CA LYS A 193 -6.69 22.23 2.37
C LYS A 193 -7.43 21.06 1.74
N ALA A 194 -6.69 20.17 1.09
CA ALA A 194 -7.31 19.02 0.44
C ALA A 194 -7.75 17.90 1.36
N ILE A 195 -7.07 17.70 2.51
CA ILE A 195 -7.42 16.57 3.41
C ILE A 195 -7.90 16.93 4.82
N GLU A 196 -7.61 18.11 5.35
CA GLU A 196 -8.05 18.43 6.72
C GLU A 196 -9.45 19.04 6.74
N ASP A 197 -10.19 18.81 7.82
CA ASP A 197 -11.54 19.37 7.94
C ASP A 197 -11.45 20.88 8.08
N ASP A 198 -10.39 21.33 8.75
CA ASP A 198 -10.14 22.74 8.96
C ASP A 198 -8.63 22.89 9.05
N PRO A 199 -8.01 23.41 7.97
CA PRO A 199 -6.57 23.63 7.85
C PRO A 199 -5.93 24.56 8.90
N ASN A 200 -6.31 24.41 10.17
CA ASN A 200 -5.74 25.24 11.24
C ASN A 200 -5.49 24.39 12.48
N ARG A 201 -6.13 23.23 12.54
CA ARG A 201 -5.94 22.28 13.64
C ARG A 201 -5.76 20.93 12.97
N PRO A 202 -4.58 20.78 12.28
CA PRO A 202 -4.18 19.57 11.56
C PRO A 202 -4.46 18.28 12.30
N ARG A 203 -5.09 17.32 11.62
CA ARG A 203 -5.32 16.03 12.25
C ARG A 203 -4.25 15.09 11.69
N TYR A 204 -3.87 15.34 10.44
CA TYR A 204 -2.90 14.50 9.76
C TYR A 204 -1.49 15.08 9.63
N ILE A 205 -1.37 16.35 9.24
CA ILE A 205 -0.05 16.95 9.07
C ILE A 205 0.23 18.07 10.06
N LYS A 206 1.13 17.80 10.98
CA LYS A 206 1.52 18.75 12.02
C LYS A 206 2.84 19.46 11.67
N THR A 207 2.95 20.71 12.08
CA THR A 207 4.17 21.49 11.93
C THR A 207 4.93 21.25 13.20
N ILE A 208 6.23 20.93 13.08
CA ILE A 208 7.01 20.63 14.28
C ILE A 208 8.18 21.58 14.51
N TRP A 209 8.17 22.24 15.67
CA TRP A 209 9.22 23.18 16.05
C TRP A 209 9.53 24.21 14.95
N GLY A 210 8.59 24.40 14.03
CA GLY A 210 8.79 25.34 12.94
C GLY A 210 9.90 24.98 11.97
N VAL A 211 10.38 23.74 12.01
CA VAL A 211 11.45 23.34 11.09
C VAL A 211 11.08 22.16 10.21
N GLY A 212 9.99 21.49 10.55
CA GLY A 212 9.59 20.35 9.75
C GLY A 212 8.12 20.00 9.87
N TYR A 213 7.76 18.87 9.29
CA TYR A 213 6.37 18.41 9.29
C TYR A 213 6.31 16.95 9.67
N MSE A 214 5.16 16.54 10.19
CA MSE A 214 4.99 15.15 10.57
C MSE A 214 3.57 14.68 10.35
O MSE A 214 2.62 15.35 10.71
CB MSE A 214 5.35 14.96 12.05
CG MSE A 214 5.13 13.53 12.52
SE MSE A 214 5.68 13.30 14.34
CE MSE A 214 4.17 14.15 15.21
N PHE A 215 3.45 13.51 9.73
CA PHE A 215 2.16 12.94 9.46
C PHE A 215 1.78 12.02 10.62
N THR A 216 0.59 12.20 11.17
CA THR A 216 0.10 11.38 12.26
C THR A 216 -1.15 10.65 11.78
N GLY A 217 -1.09 9.32 11.81
CA GLY A 217 -2.22 8.50 11.35
C GLY A 217 -3.48 8.64 12.17
#